data_5HBA
#
_entry.id   5HBA
#
_cell.length_a   50.347
_cell.length_b   85.059
_cell.length_c   95.560
_cell.angle_alpha   90.00
_cell.angle_beta   90.00
_cell.angle_gamma   90.00
#
_symmetry.space_group_name_H-M   'P 21 21 21'
#
loop_
_entity.id
_entity.type
_entity.pdbx_description
1 polymer 'Uncharacterized protein'
2 non-polymer 'SULFATE ION'
3 water water
#
_entity_poly.entity_id   1
_entity_poly.type   'polypeptide(L)'
_entity_poly.pdbx_seq_one_letter_code
;SEKPAFSVLRNETSQAQYKQPVTFNDKLSDANDDFQIKTGYFTCKVPGVYYFVFHASSEGRLCLRLKSTSAPPVSLSFCD
FNSKSVSLVVSGGAVLTLLKGDKVWIEPFAGDGGVGQMPKRLYAVFNGFLIYRN
;
_entity_poly.pdbx_strand_id   A,B,C
#
# COMPACT_ATOMS: atom_id res chain seq x y z
N GLU A 2 14.45 14.37 -11.89
CA GLU A 2 13.84 14.63 -10.59
C GLU A 2 12.38 15.08 -10.70
N LYS A 3 11.51 14.45 -9.92
CA LYS A 3 10.11 14.85 -9.83
C LYS A 3 9.61 14.72 -8.39
N PRO A 4 8.40 15.20 -8.08
CA PRO A 4 7.89 15.04 -6.72
C PRO A 4 7.85 13.59 -6.26
N ALA A 5 8.40 13.35 -5.07
CA ALA A 5 8.45 12.05 -4.41
C ALA A 5 8.79 12.30 -2.96
N PHE A 6 7.94 11.82 -2.05
CA PHE A 6 8.20 12.03 -0.63
C PHE A 6 7.89 10.80 0.23
N SER A 7 8.53 10.76 1.39
CA SER A 7 8.27 9.76 2.40
C SER A 7 8.50 10.43 3.75
N VAL A 8 7.44 10.54 4.54
CA VAL A 8 7.52 11.20 5.85
C VAL A 8 7.06 10.27 6.96
N LEU A 9 7.71 10.38 8.12
CA LEU A 9 7.48 9.48 9.24
C LEU A 9 7.03 10.22 10.50
N ARG A 10 6.05 9.64 11.19
CA ARG A 10 5.65 10.16 12.49
C ARG A 10 5.94 9.10 13.51
N ASN A 11 6.86 9.40 14.43
CA ASN A 11 7.20 8.51 15.54
C ASN A 11 7.53 9.34 16.76
N GLU A 12 6.52 9.59 17.59
CA GLU A 12 6.65 10.53 18.71
C GLU A 12 5.66 10.23 19.83
N THR A 13 5.90 10.85 20.99
CA THR A 13 5.08 10.63 22.17
C THR A 13 3.78 11.44 22.08
N SER A 14 3.81 12.54 21.36
CA SER A 14 2.62 13.41 21.27
C SER A 14 1.44 12.71 20.64
N GLN A 15 0.25 12.95 21.17
CA GLN A 15 -0.96 12.38 20.59
C GLN A 15 -1.25 13.11 19.31
N ALA A 16 -1.85 12.41 18.34
CA ALA A 16 -2.25 13.02 17.08
C ALA A 16 -3.74 13.39 17.16
N GLN A 17 -4.01 14.70 17.12
CA GLN A 17 -5.36 15.23 17.24
C GLN A 17 -6.33 14.65 16.21
N TYR A 18 -7.56 14.41 16.64
CA TYR A 18 -8.62 14.01 15.70
C TYR A 18 -9.00 15.19 14.81
N LYS A 19 -9.31 14.86 13.55
CA LYS A 19 -9.82 15.81 12.56
C LYS A 19 -8.89 16.99 12.29
N GLN A 20 -7.59 16.75 12.42
CA GLN A 20 -6.55 17.69 11.99
C GLN A 20 -5.54 16.88 11.21
N PRO A 21 -4.80 17.53 10.30
CA PRO A 21 -3.79 16.78 9.56
C PRO A 21 -2.73 16.15 10.47
N VAL A 22 -2.42 14.90 10.21
CA VAL A 22 -1.31 14.25 10.92
C VAL A 22 -0.03 15.00 10.61
N THR A 23 0.72 15.35 11.65
CA THR A 23 2.02 15.99 11.46
C THR A 23 3.14 14.96 11.67
N PHE A 24 4.33 15.23 11.14
CA PHE A 24 5.40 14.23 11.11
C PHE A 24 6.69 14.81 11.67
N ASN A 25 7.55 13.98 12.28
CA ASN A 25 8.80 14.48 12.85
C ASN A 25 10.07 13.97 12.16
N ASP A 26 9.92 13.26 11.03
CA ASP A 26 11.08 12.80 10.27
C ASP A 26 10.78 12.78 8.79
N LYS A 27 11.61 13.45 8.00
CA LYS A 27 11.44 13.45 6.55
C LYS A 27 12.47 12.52 5.91
N LEU A 28 12.00 11.41 5.36
CA LEU A 28 12.87 10.41 4.76
C LEU A 28 13.30 10.81 3.34
N SER A 29 12.36 11.32 2.60
CA SER A 29 12.57 11.78 1.27
C SER A 29 11.60 12.86 1.02
N ASP A 30 12.00 13.78 0.18
CA ASP A 30 11.11 14.79 -0.38
C ASP A 30 11.77 15.47 -1.57
N ALA A 31 11.76 14.92 -2.76
CA ALA A 31 12.58 15.43 -3.83
C ALA A 31 12.38 16.89 -4.27
N ASN A 32 11.14 17.30 -4.35
CA ASN A 32 10.78 18.61 -4.84
C ASN A 32 10.44 19.58 -3.71
N ASP A 33 10.72 19.17 -2.47
CA ASP A 33 10.38 19.95 -1.28
C ASP A 33 8.90 20.34 -1.29
N ASP A 34 8.04 19.32 -1.46
CA ASP A 34 6.61 19.53 -1.60
C ASP A 34 5.85 19.29 -0.30
N PHE A 35 6.53 18.71 0.69
CA PHE A 35 5.86 18.36 1.94
C PHE A 35 6.32 19.20 3.13
N GLN A 36 5.36 19.71 3.88
CA GLN A 36 5.69 20.42 5.12
C GLN A 36 5.31 19.55 6.32
N ILE A 37 6.30 19.01 7.00
CA ILE A 37 6.01 18.05 8.06
C ILE A 37 5.36 18.73 9.27
N LYS A 38 5.55 20.04 9.42
CA LYS A 38 4.94 20.77 10.53
C LYS A 38 3.44 20.99 10.37
N THR A 39 2.94 20.98 9.14
CA THR A 39 1.52 21.21 8.92
C THR A 39 0.81 19.91 8.50
N GLY A 40 1.60 18.94 8.06
CA GLY A 40 1.06 17.67 7.60
C GLY A 40 0.56 17.67 6.16
N TYR A 41 0.79 18.77 5.43
CA TYR A 41 0.27 18.86 4.06
C TYR A 41 1.32 18.62 2.98
N PHE A 42 0.98 17.78 2.01
CA PHE A 42 1.62 17.83 0.71
C PHE A 42 0.91 18.94 -0.05
N THR A 43 1.67 19.87 -0.63
CA THR A 43 1.10 20.91 -1.48
C THR A 43 1.67 20.77 -2.90
N CYS A 44 0.77 20.55 -3.86
CA CYS A 44 1.16 20.37 -5.25
C CYS A 44 1.80 21.62 -5.85
N LYS A 45 3.02 21.48 -6.35
CA LYS A 45 3.67 22.51 -7.16
C LYS A 45 3.59 22.12 -8.64
N VAL A 46 3.72 20.84 -8.91
CA VAL A 46 3.65 20.31 -10.27
C VAL A 46 2.31 19.63 -10.55
N PRO A 47 1.47 20.26 -11.38
CA PRO A 47 0.14 19.72 -11.71
C PRO A 47 0.26 18.36 -12.40
N GLY A 48 -0.58 17.41 -12.01
CA GLY A 48 -0.50 16.09 -12.60
C GLY A 48 -1.23 15.01 -11.82
N VAL A 49 -0.91 13.77 -12.15
CA VAL A 49 -1.54 12.61 -11.52
C VAL A 49 -0.54 12.01 -10.53
N TYR A 50 -0.98 11.77 -9.30
CA TYR A 50 -0.08 11.37 -8.22
C TYR A 50 -0.52 10.05 -7.59
N TYR A 51 0.43 9.34 -6.99
CA TYR A 51 0.08 8.23 -6.10
C TYR A 51 0.38 8.60 -4.65
N PHE A 52 -0.57 8.33 -3.77
CA PHE A 52 -0.39 8.54 -2.33
C PHE A 52 -0.71 7.25 -1.57
N VAL A 53 0.04 6.98 -0.51
CA VAL A 53 -0.21 5.80 0.31
C VAL A 53 0.30 6.06 1.73
N PHE A 54 -0.43 5.56 2.72
CA PHE A 54 0.03 5.67 4.09
C PHE A 54 -0.02 4.31 4.80
N HIS A 55 0.77 4.18 5.87
CA HIS A 55 0.75 2.99 6.72
C HIS A 55 0.83 3.48 8.16
N ALA A 56 -0.17 3.13 8.97
CA ALA A 56 -0.26 3.76 10.29
C ALA A 56 -0.83 2.83 11.36
N SER A 57 -0.34 3.00 12.58
CA SER A 57 -0.85 2.23 13.72
C SER A 57 -1.05 3.06 14.98
N SER A 58 -2.07 2.66 15.73
CA SER A 58 -2.38 3.23 17.03
C SER A 58 -2.86 2.08 17.88
N GLU A 59 -2.88 2.25 19.20
CA GLU A 59 -3.47 1.25 20.08
C GLU A 59 -4.98 1.31 19.98
N GLY A 60 -5.63 0.16 19.75
CA GLY A 60 -7.08 0.13 19.64
C GLY A 60 -7.56 0.57 18.27
N ARG A 61 -8.83 0.94 18.18
CA ARG A 61 -9.45 1.34 16.91
C ARG A 61 -8.68 2.49 16.23
N LEU A 62 -8.40 2.32 14.95
CA LEU A 62 -7.72 3.36 14.17
C LEU A 62 -8.48 3.63 12.87
N CYS A 63 -8.93 4.88 12.73
CA CYS A 63 -9.58 5.34 11.52
C CYS A 63 -8.81 6.54 10.97
N LEU A 64 -8.48 6.48 9.68
CA LEU A 64 -7.81 7.59 9.01
C LEU A 64 -8.49 7.92 7.69
N ARG A 65 -8.55 9.22 7.38
CA ARG A 65 -9.07 9.65 6.10
C ARG A 65 -7.92 10.17 5.26
N LEU A 66 -7.92 9.84 3.97
CA LEU A 66 -7.05 10.54 3.03
C LEU A 66 -7.88 11.66 2.43
N LYS A 67 -7.39 12.90 2.53
CA LYS A 67 -8.18 14.06 2.11
C LYS A 67 -7.41 14.96 1.14
N SER A 68 -8.15 15.75 0.35
CA SER A 68 -7.53 16.76 -0.52
C SER A 68 -8.37 18.03 -0.61
N THR A 69 -7.75 19.15 -1.00
CA THR A 69 -8.52 20.36 -1.31
C THR A 69 -8.72 20.51 -2.81
N SER A 70 -8.48 19.43 -3.56
CA SER A 70 -8.72 19.47 -4.99
C SER A 70 -10.23 19.53 -5.26
N ALA A 71 -10.63 19.83 -6.49
CA ALA A 71 -12.06 19.83 -6.84
C ALA A 71 -12.34 18.85 -7.98
N PRO A 72 -13.29 17.93 -7.76
CA PRO A 72 -14.05 17.72 -6.52
C PRO A 72 -13.16 17.13 -5.43
N PRO A 73 -13.52 17.35 -4.16
CA PRO A 73 -12.55 17.00 -3.11
C PRO A 73 -12.53 15.49 -2.86
N VAL A 74 -11.43 15.00 -2.33
CA VAL A 74 -11.33 13.58 -2.02
C VAL A 74 -11.46 13.40 -0.53
N SER A 75 -12.24 12.40 -0.13
CA SER A 75 -12.31 12.00 1.27
C SER A 75 -12.50 10.48 1.32
N LEU A 76 -11.41 9.74 1.54
CA LEU A 76 -11.46 8.28 1.58
C LEU A 76 -11.12 7.79 2.99
N SER A 77 -11.94 6.89 3.53
CA SER A 77 -11.76 6.40 4.90
C SER A 77 -11.20 4.98 4.93
N PHE A 78 -10.30 4.74 5.88
CA PHE A 78 -9.71 3.42 6.07
C PHE A 78 -9.70 3.15 7.57
N CYS A 79 -10.46 2.14 7.99
CA CYS A 79 -10.70 1.87 9.41
C CYS A 79 -10.39 0.43 9.83
N ASP A 80 -9.61 0.29 10.90
CA ASP A 80 -9.49 -0.98 11.62
C ASP A 80 -10.31 -0.87 12.90
N PHE A 81 -11.43 -1.58 12.96
CA PHE A 81 -12.27 -1.61 14.16
C PHE A 81 -11.94 -2.79 15.06
N ASN A 82 -10.68 -2.87 15.50
CA ASN A 82 -10.24 -3.93 16.40
C ASN A 82 -10.42 -3.56 17.88
N SER A 83 -10.05 -4.49 18.75
CA SER A 83 -10.20 -4.32 20.19
C SER A 83 -9.17 -3.35 20.78
N LYS A 84 -9.48 -2.82 21.97
CA LYS A 84 -8.69 -1.78 22.63
C LYS A 84 -7.22 -2.14 22.86
N SER A 85 -6.97 -3.39 23.24
CA SER A 85 -5.63 -3.83 23.62
C SER A 85 -4.73 -4.11 22.40
N VAL A 86 -5.35 -4.13 21.22
CA VAL A 86 -4.65 -4.56 20.00
C VAL A 86 -4.20 -3.36 19.15
N SER A 87 -3.01 -3.48 18.56
CA SER A 87 -2.44 -2.44 17.70
C SER A 87 -2.16 -3.03 16.30
N LEU A 88 -2.78 -2.48 15.27
CA LEU A 88 -2.64 -2.99 13.91
C LEU A 88 -2.19 -1.90 12.93
N VAL A 89 -1.67 -2.28 11.77
CA VAL A 89 -1.30 -1.30 10.75
C VAL A 89 -2.41 -1.16 9.73
N VAL A 90 -3.00 0.04 9.65
CA VAL A 90 -3.97 0.34 8.60
C VAL A 90 -3.23 1.00 7.45
N SER A 91 -3.51 0.55 6.24
CA SER A 91 -2.94 1.17 5.05
C SER A 91 -4.05 1.61 4.11
N GLY A 92 -3.79 2.70 3.38
CA GLY A 92 -4.78 3.23 2.45
C GLY A 92 -4.05 4.15 1.49
N GLY A 93 -4.73 4.56 0.44
CA GLY A 93 -4.12 5.43 -0.55
C GLY A 93 -4.90 5.45 -1.83
N ALA A 94 -4.46 6.31 -2.76
CA ALA A 94 -5.21 6.50 -3.99
C ALA A 94 -4.35 7.13 -5.08
N VAL A 95 -4.80 6.98 -6.32
CA VAL A 95 -4.24 7.76 -7.43
C VAL A 95 -5.12 8.99 -7.65
N LEU A 96 -4.52 10.17 -7.49
CA LEU A 96 -5.28 11.43 -7.53
C LEU A 96 -4.75 12.39 -8.59
N THR A 97 -5.66 13.13 -9.22
CA THR A 97 -5.30 14.20 -10.14
C THR A 97 -5.30 15.51 -9.35
N LEU A 98 -4.18 16.23 -9.37
CA LEU A 98 -4.06 17.45 -8.59
C LEU A 98 -3.75 18.68 -9.43
N LEU A 99 -4.29 19.83 -9.04
CA LEU A 99 -3.94 21.10 -9.66
C LEU A 99 -2.92 21.82 -8.78
N LYS A 100 -2.27 22.84 -9.32
CA LYS A 100 -1.28 23.59 -8.56
C LYS A 100 -1.94 24.21 -7.34
N GLY A 101 -1.32 24.05 -6.18
CA GLY A 101 -1.90 24.55 -4.94
C GLY A 101 -2.77 23.58 -4.17
N ASP A 102 -3.28 22.53 -4.81
CA ASP A 102 -4.08 21.52 -4.11
C ASP A 102 -3.27 20.90 -2.97
N LYS A 103 -3.94 20.61 -1.85
CA LYS A 103 -3.25 20.02 -0.70
C LYS A 103 -3.75 18.60 -0.48
N VAL A 104 -2.88 17.72 0.01
CA VAL A 104 -3.27 16.34 0.32
C VAL A 104 -2.71 15.98 1.69
N TRP A 105 -3.52 15.28 2.49
CA TRP A 105 -3.06 14.93 3.83
C TRP A 105 -3.82 13.72 4.36
N ILE A 106 -3.44 13.30 5.55
CA ILE A 106 -4.17 12.37 6.34
C ILE A 106 -4.53 12.94 7.67
N GLU A 107 -5.56 12.41 8.18
CA GLU A 107 -6.41 12.88 9.28
C GLU A 107 -7.04 11.69 10.01
N PRO A 108 -6.78 11.60 11.30
CA PRO A 108 -7.46 10.59 12.09
C PRO A 108 -8.86 11.05 12.48
N PHE A 109 -9.75 10.09 12.70
CA PHE A 109 -11.07 10.37 13.28
C PHE A 109 -11.50 9.22 14.19
N ALA A 110 -12.50 9.46 15.04
CA ALA A 110 -13.03 8.40 15.88
C ALA A 110 -14.23 7.78 15.16
N GLY A 111 -13.99 6.65 14.50
CA GLY A 111 -14.99 5.97 13.69
C GLY A 111 -16.21 5.47 14.43
N ASP A 112 -16.15 5.39 15.75
CA ASP A 112 -17.34 5.07 16.53
C ASP A 112 -17.19 5.62 17.96
N GLY A 113 -18.12 5.29 18.85
CA GLY A 113 -18.07 5.77 20.22
C GLY A 113 -18.63 7.18 20.33
N GLY A 114 -18.71 7.68 21.55
CA GLY A 114 -19.32 8.96 21.81
C GLY A 114 -18.35 10.12 22.02
N VAL A 115 -18.85 11.17 22.65
CA VAL A 115 -18.10 12.39 22.90
C VAL A 115 -16.98 12.17 23.90
N GLY A 116 -16.02 13.07 23.92
CA GLY A 116 -15.02 13.08 24.97
C GLY A 116 -13.89 12.08 24.83
N GLN A 117 -13.66 11.56 23.62
CA GLN A 117 -12.53 10.65 23.42
C GLN A 117 -11.21 11.43 23.31
N MET A 118 -10.19 10.97 24.01
CA MET A 118 -8.87 11.60 23.95
C MET A 118 -8.12 11.13 22.72
N PRO A 119 -7.38 12.04 22.05
CA PRO A 119 -6.57 11.60 20.91
C PRO A 119 -5.49 10.61 21.37
N LYS A 120 -4.92 9.82 20.46
CA LYS A 120 -3.89 8.86 20.88
C LYS A 120 -2.62 9.03 20.07
N ARG A 121 -1.55 8.42 20.57
CA ARG A 121 -0.31 8.36 19.83
C ARG A 121 -0.55 7.68 18.49
N LEU A 122 0.23 8.06 17.49
CA LEU A 122 0.04 7.48 16.16
C LEU A 122 1.36 7.34 15.43
N TYR A 123 1.68 6.10 15.04
CA TYR A 123 2.84 5.84 14.22
C TYR A 123 2.36 5.91 12.78
N ALA A 124 3.05 6.67 11.94
CA ALA A 124 2.59 6.80 10.56
C ALA A 124 3.71 7.02 9.55
N VAL A 125 3.63 6.32 8.43
CA VAL A 125 4.50 6.55 7.28
C VAL A 125 3.59 6.98 6.12
N PHE A 126 3.85 8.16 5.55
CA PHE A 126 3.02 8.71 4.50
C PHE A 126 3.93 8.89 3.29
N ASN A 127 3.55 8.28 2.17
CA ASN A 127 4.37 8.28 0.96
C ASN A 127 3.61 8.80 -0.27
N GLY A 128 4.34 9.38 -1.21
CA GLY A 128 3.70 9.87 -2.43
C GLY A 128 4.68 10.24 -3.52
N PHE A 129 4.21 10.20 -4.77
CA PHE A 129 5.05 10.59 -5.90
C PHE A 129 4.24 10.90 -7.15
N LEU A 130 4.79 11.75 -8.01
CA LEU A 130 4.17 12.08 -9.29
C LEU A 130 4.22 10.87 -10.21
N ILE A 131 3.10 10.58 -10.86
CA ILE A 131 3.07 9.57 -11.91
C ILE A 131 3.35 10.22 -13.27
N TYR A 132 2.59 11.27 -13.59
CA TYR A 132 2.88 12.04 -14.81
C TYR A 132 2.41 13.48 -14.70
N ARG A 133 3.09 14.38 -15.42
CA ARG A 133 2.77 15.81 -15.41
C ARG A 133 1.54 16.13 -16.26
N ASN A 134 0.63 16.92 -15.69
CA ASN A 134 -0.57 17.40 -16.40
C ASN A 134 -0.16 18.34 -17.53
N GLU B 2 0.87 11.56 -21.01
CA GLU B 2 -0.06 10.95 -20.05
C GLU B 2 0.04 9.42 -20.06
N LYS B 3 -0.03 8.82 -18.86
CA LYS B 3 0.13 7.37 -18.70
C LYS B 3 -1.16 6.73 -18.23
N PRO B 4 -1.33 5.42 -18.51
CA PRO B 4 -2.38 4.67 -17.82
C PRO B 4 -2.21 4.84 -16.31
N ALA B 5 -3.27 5.26 -15.64
CA ALA B 5 -3.24 5.48 -14.20
C ALA B 5 -4.69 5.57 -13.74
N PHE B 6 -5.07 4.73 -12.78
CA PHE B 6 -6.46 4.73 -12.34
C PHE B 6 -6.63 4.59 -10.84
N SER B 7 -7.79 5.02 -10.36
CA SER B 7 -8.19 4.83 -8.99
C SER B 7 -9.71 4.71 -9.03
N VAL B 8 -10.23 3.56 -8.62
CA VAL B 8 -11.68 3.33 -8.61
C VAL B 8 -12.13 2.92 -7.22
N LEU B 9 -13.36 3.29 -6.88
CA LEU B 9 -13.88 3.13 -5.52
C LEU B 9 -15.19 2.36 -5.52
N ARG B 10 -15.30 1.38 -4.63
CA ARG B 10 -16.57 0.72 -4.37
C ARG B 10 -17.09 1.15 -3.00
N ASN B 11 -18.16 1.95 -3.00
CA ASN B 11 -18.77 2.40 -1.75
C ASN B 11 -20.28 2.32 -1.95
N GLU B 12 -20.85 1.16 -1.65
CA GLU B 12 -22.25 0.91 -1.96
C GLU B 12 -22.83 -0.14 -1.03
N THR B 13 -24.06 -0.57 -1.32
CA THR B 13 -24.78 -1.44 -0.41
C THR B 13 -24.62 -2.93 -0.73
N SER B 14 -24.57 -3.28 -2.02
CA SER B 14 -24.68 -4.69 -2.40
C SER B 14 -23.46 -5.52 -2.04
N GLN B 15 -23.71 -6.81 -1.81
CA GLN B 15 -22.66 -7.76 -1.44
C GLN B 15 -21.77 -8.01 -2.64
N ALA B 16 -20.48 -8.20 -2.39
CA ALA B 16 -19.56 -8.54 -3.47
C ALA B 16 -19.48 -10.05 -3.53
N GLN B 17 -20.02 -10.62 -4.62
CA GLN B 17 -20.12 -12.07 -4.78
C GLN B 17 -18.74 -12.71 -4.86
N TYR B 18 -18.63 -13.95 -4.38
CA TYR B 18 -17.39 -14.71 -4.48
C TYR B 18 -17.01 -15.04 -5.91
N LYS B 19 -15.72 -15.05 -6.20
CA LYS B 19 -15.19 -15.60 -7.45
C LYS B 19 -15.66 -14.89 -8.72
N GLN B 20 -16.05 -13.62 -8.59
CA GLN B 20 -16.27 -12.76 -9.75
C GLN B 20 -15.66 -11.41 -9.42
N PRO B 21 -15.28 -10.64 -10.45
CA PRO B 21 -14.60 -9.36 -10.20
C PRO B 21 -15.42 -8.40 -9.33
N VAL B 22 -14.76 -7.82 -8.34
CA VAL B 22 -15.32 -6.68 -7.62
C VAL B 22 -15.63 -5.56 -8.62
N THR B 23 -16.85 -5.04 -8.58
CA THR B 23 -17.21 -3.92 -9.44
C THR B 23 -17.21 -2.64 -8.60
N PHE B 24 -17.19 -1.49 -9.25
CA PHE B 24 -17.00 -0.23 -8.54
C PHE B 24 -18.05 0.77 -8.98
N ASN B 25 -18.40 1.73 -8.12
CA ASN B 25 -19.45 2.68 -8.47
C ASN B 25 -18.95 4.11 -8.57
N ASP B 26 -17.64 4.30 -8.43
CA ASP B 26 -17.09 5.66 -8.52
C ASP B 26 -15.67 5.64 -9.10
N LYS B 27 -15.47 6.38 -10.18
CA LYS B 27 -14.15 6.49 -10.80
C LYS B 27 -13.45 7.79 -10.38
N LEU B 28 -12.42 7.66 -9.53
CA LEU B 28 -11.67 8.84 -9.05
C LEU B 28 -10.67 9.34 -10.10
N SER B 29 -10.01 8.39 -10.77
CA SER B 29 -9.03 8.70 -11.82
C SER B 29 -8.98 7.55 -12.83
N ASP B 30 -8.81 7.88 -14.11
CA ASP B 30 -8.56 6.89 -15.15
C ASP B 30 -8.03 7.59 -16.41
N ALA B 31 -6.73 7.89 -16.40
CA ALA B 31 -6.10 8.76 -17.39
C ALA B 31 -6.17 8.29 -18.84
N ASN B 32 -6.14 6.98 -19.04
CA ASN B 32 -6.07 6.40 -20.39
C ASN B 32 -7.39 5.68 -20.71
N ASP B 33 -8.39 5.88 -19.84
CA ASP B 33 -9.68 5.19 -19.93
C ASP B 33 -9.53 3.66 -20.05
N ASP B 34 -8.71 3.09 -19.16
CA ASP B 34 -8.41 1.67 -19.18
C ASP B 34 -9.31 0.87 -18.27
N PHE B 35 -10.00 1.54 -17.35
CA PHE B 35 -10.83 0.81 -16.40
C PHE B 35 -12.32 0.94 -16.69
N GLN B 36 -13.02 -0.19 -16.63
CA GLN B 36 -14.47 -0.19 -16.74
C GLN B 36 -15.04 -0.59 -15.38
N ILE B 37 -15.58 0.38 -14.65
CA ILE B 37 -16.02 0.09 -13.29
C ILE B 37 -17.20 -0.88 -13.24
N LYS B 38 -17.99 -0.93 -14.31
CA LYS B 38 -19.13 -1.85 -14.35
C LYS B 38 -18.72 -3.31 -14.46
N THR B 39 -17.52 -3.57 -14.99
CA THR B 39 -17.08 -4.96 -15.16
C THR B 39 -16.07 -5.38 -14.11
N GLY B 40 -15.36 -4.40 -13.56
CA GLY B 40 -14.34 -4.64 -12.57
C GLY B 40 -12.98 -4.94 -13.18
N TYR B 41 -12.88 -4.80 -14.50
CA TYR B 41 -11.61 -5.10 -15.18
C TYR B 41 -10.83 -3.87 -15.58
N PHE B 42 -9.52 -3.92 -15.32
CA PHE B 42 -8.57 -3.09 -16.02
C PHE B 42 -8.19 -3.87 -17.27
N THR B 43 -8.20 -3.23 -18.44
CA THR B 43 -7.77 -3.89 -19.67
C THR B 43 -6.60 -3.14 -20.26
N CYS B 44 -5.49 -3.85 -20.45
CA CYS B 44 -4.26 -3.23 -20.92
C CYS B 44 -4.35 -2.79 -22.38
N LYS B 45 -4.06 -1.51 -22.60
CA LYS B 45 -3.94 -0.96 -23.96
C LYS B 45 -2.48 -0.73 -24.27
N VAL B 46 -1.75 -0.22 -23.29
CA VAL B 46 -0.33 0.08 -23.47
C VAL B 46 0.52 -0.98 -22.79
N PRO B 47 1.22 -1.80 -23.60
CA PRO B 47 2.03 -2.92 -23.12
C PRO B 47 3.16 -2.39 -22.28
N GLY B 48 3.47 -3.07 -21.19
CA GLY B 48 4.46 -2.55 -20.28
C GLY B 48 4.36 -3.15 -18.89
N VAL B 49 5.11 -2.54 -17.99
CA VAL B 49 5.18 -2.98 -16.61
C VAL B 49 4.34 -2.03 -15.75
N TYR B 50 3.50 -2.61 -14.90
CA TYR B 50 2.47 -1.86 -14.18
C TYR B 50 2.54 -2.14 -12.68
N TYR B 51 2.04 -1.21 -11.88
CA TYR B 51 1.88 -1.43 -10.45
C TYR B 51 0.39 -1.42 -10.12
N PHE B 52 -0.04 -2.39 -9.31
CA PHE B 52 -1.45 -2.49 -8.90
C PHE B 52 -1.53 -2.60 -7.39
N VAL B 53 -2.52 -1.94 -6.78
CA VAL B 53 -2.65 -2.02 -5.32
C VAL B 53 -4.10 -1.77 -4.90
N PHE B 54 -4.61 -2.55 -3.95
CA PHE B 54 -5.95 -2.30 -3.43
C PHE B 54 -5.95 -2.16 -1.93
N HIS B 55 -6.95 -1.46 -1.42
CA HIS B 55 -7.18 -1.41 0.02
C HIS B 55 -8.67 -1.63 0.21
N ALA B 56 -9.05 -2.62 1.02
CA ALA B 56 -10.47 -2.93 1.15
C ALA B 56 -10.86 -3.38 2.55
N SER B 57 -12.13 -3.20 2.89
CA SER B 57 -12.62 -3.61 4.20
C SER B 57 -14.02 -4.20 4.10
N SER B 58 -14.25 -5.18 4.96
CA SER B 58 -15.53 -5.84 5.03
C SER B 58 -15.65 -6.37 6.44
N GLU B 59 -16.87 -6.60 6.88
CA GLU B 59 -17.12 -7.10 8.23
C GLU B 59 -16.71 -8.57 8.28
N GLY B 60 -16.05 -8.96 9.37
CA GLY B 60 -15.58 -10.32 9.52
C GLY B 60 -14.45 -10.68 8.57
N ARG B 61 -14.30 -11.97 8.30
CA ARG B 61 -13.31 -12.51 7.38
C ARG B 61 -13.36 -11.85 5.99
N LEU B 62 -12.18 -11.47 5.47
CA LEU B 62 -12.08 -10.93 4.12
C LEU B 62 -10.87 -11.48 3.37
N CYS B 63 -11.15 -12.17 2.28
CA CYS B 63 -10.11 -12.69 1.40
C CYS B 63 -10.27 -12.13 0.01
N LEU B 64 -9.23 -11.48 -0.49
CA LEU B 64 -9.27 -10.91 -1.83
C LEU B 64 -8.10 -11.41 -2.64
N ARG B 65 -8.32 -11.55 -3.93
CA ARG B 65 -7.31 -12.11 -4.81
C ARG B 65 -7.09 -11.18 -6.00
N LEU B 66 -5.83 -10.83 -6.25
CA LEU B 66 -5.47 -10.08 -7.46
C LEU B 66 -5.24 -11.08 -8.59
N LYS B 67 -5.92 -10.85 -9.71
CA LYS B 67 -5.88 -11.81 -10.83
C LYS B 67 -5.64 -11.13 -12.18
N SER B 68 -5.07 -11.88 -13.12
CA SER B 68 -4.91 -11.39 -14.48
C SER B 68 -5.11 -12.51 -15.50
N THR B 69 -5.23 -12.12 -16.77
CA THR B 69 -5.30 -13.09 -17.87
C THR B 69 -4.01 -13.03 -18.65
N SER B 70 -2.94 -12.59 -18.00
CA SER B 70 -1.62 -12.56 -18.61
C SER B 70 -1.09 -13.98 -18.80
N ALA B 71 0.05 -14.08 -19.48
CA ALA B 71 0.72 -15.37 -19.65
C ALA B 71 2.09 -15.28 -19.01
N PRO B 72 2.25 -15.92 -17.85
CA PRO B 72 1.26 -16.72 -17.12
C PRO B 72 0.32 -15.87 -16.25
N PRO B 73 -0.89 -16.38 -15.99
CA PRO B 73 -1.89 -15.62 -15.23
C PRO B 73 -1.49 -15.45 -13.76
N VAL B 74 -1.90 -14.34 -13.16
CA VAL B 74 -1.57 -14.06 -11.78
C VAL B 74 -2.74 -14.45 -10.88
N SER B 75 -2.43 -14.95 -9.69
CA SER B 75 -3.44 -15.23 -8.68
C SER B 75 -2.77 -15.05 -7.32
N LEU B 76 -2.89 -13.85 -6.76
CA LEU B 76 -2.24 -13.51 -5.51
C LEU B 76 -3.27 -13.20 -4.44
N SER B 77 -3.25 -13.97 -3.36
CA SER B 77 -4.25 -13.88 -2.31
C SER B 77 -3.80 -12.99 -1.16
N PHE B 78 -4.76 -12.31 -0.54
CA PHE B 78 -4.51 -11.50 0.64
C PHE B 78 -5.70 -11.65 1.57
N CYS B 79 -5.44 -12.17 2.77
CA CYS B 79 -6.52 -12.57 3.68
C CYS B 79 -6.40 -11.98 5.08
N ASP B 80 -7.51 -11.47 5.60
CA ASP B 80 -7.61 -11.09 7.01
C ASP B 80 -8.57 -12.08 7.67
N PHE B 81 -8.02 -12.99 8.49
CA PHE B 81 -8.86 -14.00 9.14
C PHE B 81 -9.25 -13.54 10.54
N ASN B 82 -10.11 -12.52 10.61
CA ASN B 82 -10.55 -11.98 11.89
C ASN B 82 -12.00 -12.36 12.25
N SER B 83 -12.40 -12.01 13.47
CA SER B 83 -13.73 -12.37 14.00
C SER B 83 -14.89 -11.60 13.35
N LYS B 84 -16.10 -12.11 13.60
CA LYS B 84 -17.34 -11.62 12.98
C LYS B 84 -17.65 -10.13 13.17
N SER B 85 -17.38 -9.61 14.35
CA SER B 85 -17.81 -8.25 14.69
C SER B 85 -16.78 -7.17 14.32
N VAL B 86 -15.73 -7.57 13.60
CA VAL B 86 -14.63 -6.67 13.33
C VAL B 86 -14.43 -6.40 11.83
N SER B 87 -14.27 -5.13 11.49
CA SER B 87 -13.98 -4.71 10.13
C SER B 87 -12.56 -4.16 10.06
N LEU B 88 -11.73 -4.74 9.18
CA LEU B 88 -10.35 -4.33 9.06
C LEU B 88 -10.04 -4.01 7.60
N VAL B 89 -8.97 -3.25 7.35
CA VAL B 89 -8.56 -2.96 5.98
C VAL B 89 -7.46 -3.93 5.53
N VAL B 90 -7.76 -4.76 4.53
CA VAL B 90 -6.74 -5.59 3.90
C VAL B 90 -6.17 -4.85 2.68
N SER B 91 -4.85 -4.97 2.48
CA SER B 91 -4.22 -4.36 1.33
C SER B 91 -3.38 -5.39 0.61
N GLY B 92 -3.20 -5.19 -0.70
CA GLY B 92 -2.36 -6.10 -1.45
C GLY B 92 -2.06 -5.50 -2.80
N GLY B 93 -1.10 -6.07 -3.51
CA GLY B 93 -0.79 -5.57 -4.83
C GLY B 93 0.45 -6.20 -5.39
N ALA B 94 0.81 -5.81 -6.60
CA ALA B 94 1.94 -6.42 -7.27
C ALA B 94 2.42 -5.58 -8.43
N VAL B 95 3.63 -5.89 -8.88
CA VAL B 95 4.14 -5.33 -10.13
C VAL B 95 4.04 -6.41 -11.20
N LEU B 96 3.31 -6.10 -12.27
CA LEU B 96 2.97 -7.06 -13.30
C LEU B 96 3.40 -6.59 -14.68
N THR B 97 3.87 -7.53 -15.51
CA THR B 97 4.17 -7.27 -16.91
C THR B 97 2.96 -7.67 -17.74
N LEU B 98 2.44 -6.74 -18.54
CA LEU B 98 1.20 -6.96 -19.31
C LEU B 98 1.35 -6.76 -20.82
N LEU B 99 0.63 -7.56 -21.60
CA LEU B 99 0.53 -7.36 -23.05
C LEU B 99 -0.83 -6.74 -23.34
N LYS B 100 -0.98 -6.12 -24.51
CA LYS B 100 -2.24 -5.52 -24.88
C LYS B 100 -3.36 -6.56 -24.83
N GLY B 101 -4.49 -6.21 -24.25
CA GLY B 101 -5.59 -7.13 -24.09
C GLY B 101 -5.61 -7.88 -22.76
N ASP B 102 -4.46 -7.93 -22.06
CA ASP B 102 -4.41 -8.57 -20.75
C ASP B 102 -5.36 -7.84 -19.80
N LYS B 103 -6.05 -8.61 -18.94
CA LYS B 103 -7.01 -8.04 -18.00
C LYS B 103 -6.53 -8.23 -16.57
N VAL B 104 -6.76 -7.25 -15.70
CA VAL B 104 -6.36 -7.35 -14.30
C VAL B 104 -7.56 -6.95 -13.43
N TRP B 105 -7.75 -7.65 -12.32
CA TRP B 105 -8.89 -7.35 -11.45
C TRP B 105 -8.69 -7.93 -10.05
N ILE B 106 -9.59 -7.60 -9.13
CA ILE B 106 -9.58 -8.25 -7.82
C ILE B 106 -10.91 -8.98 -7.62
N GLU B 107 -10.86 -10.10 -6.91
CA GLU B 107 -12.08 -10.85 -6.65
C GLU B 107 -12.07 -11.47 -5.26
N PRO B 108 -13.23 -11.46 -4.58
CA PRO B 108 -13.31 -12.04 -3.24
C PRO B 108 -13.40 -13.56 -3.31
N PHE B 109 -12.92 -14.25 -2.29
CA PHE B 109 -13.16 -15.69 -2.18
C PHE B 109 -13.37 -16.09 -0.72
N ALA B 110 -13.97 -17.26 -0.53
CA ALA B 110 -14.13 -17.81 0.80
C ALA B 110 -12.84 -18.51 1.18
N GLY B 111 -12.15 -17.95 2.17
CA GLY B 111 -10.84 -18.45 2.54
C GLY B 111 -10.84 -19.82 3.17
N MET B 118 -21.73 -16.82 1.97
CA MET B 118 -22.15 -15.68 2.79
C MET B 118 -21.42 -14.37 2.42
N PRO B 119 -21.61 -13.88 1.19
CA PRO B 119 -20.91 -12.67 0.76
C PRO B 119 -21.41 -11.42 1.48
N LYS B 120 -20.57 -10.39 1.54
CA LYS B 120 -20.86 -9.16 2.27
C LYS B 120 -20.55 -7.93 1.43
N ARG B 121 -21.08 -6.78 1.84
CA ARG B 121 -20.73 -5.53 1.18
C ARG B 121 -19.23 -5.31 1.39
N LEU B 122 -18.62 -4.56 0.50
CA LEU B 122 -17.17 -4.40 0.47
C LEU B 122 -16.88 -2.97 0.11
N TYR B 123 -16.11 -2.30 0.94
CA TYR B 123 -15.58 -0.97 0.63
C TYR B 123 -14.21 -1.23 0.02
N ALA B 124 -13.95 -0.71 -1.17
CA ALA B 124 -12.70 -0.99 -1.83
C ALA B 124 -12.19 0.18 -2.67
N VAL B 125 -10.88 0.40 -2.63
CA VAL B 125 -10.22 1.33 -3.52
C VAL B 125 -9.18 0.54 -4.28
N PHE B 126 -9.23 0.60 -5.61
CA PHE B 126 -8.33 -0.19 -6.43
C PHE B 126 -7.58 0.79 -7.32
N ASN B 127 -6.25 0.72 -7.26
CA ASN B 127 -5.36 1.67 -7.94
C ASN B 127 -4.38 0.95 -8.84
N GLY B 128 -3.98 1.60 -9.93
CA GLY B 128 -2.96 1.05 -10.80
C GLY B 128 -2.38 2.07 -11.75
N PHE B 129 -1.14 1.87 -12.16
CA PHE B 129 -0.52 2.78 -13.13
C PHE B 129 0.65 2.14 -13.87
N LEU B 130 0.89 2.62 -15.08
CA LEU B 130 2.02 2.16 -15.86
C LEU B 130 3.31 2.64 -15.19
N ILE B 131 4.29 1.75 -15.07
CA ILE B 131 5.61 2.12 -14.57
C ILE B 131 6.52 2.46 -15.76
N TYR B 132 6.62 1.53 -16.72
CA TYR B 132 7.28 1.83 -17.99
C TYR B 132 6.66 1.08 -19.18
N ARG B 133 6.73 1.70 -20.36
CA ARG B 133 6.26 1.10 -21.60
C ARG B 133 7.18 0.02 -22.12
N ASN B 134 6.60 -1.05 -22.64
CA ASN B 134 7.34 -2.11 -23.31
C ASN B 134 7.18 -2.00 -24.81
N LYS C 3 13.40 0.57 -16.71
CA LYS C 3 13.31 0.89 -15.28
C LYS C 3 13.48 -0.38 -14.44
N PRO C 4 14.20 -0.27 -13.32
CA PRO C 4 14.09 -1.29 -12.28
C PRO C 4 12.66 -1.40 -11.77
N ALA C 5 12.17 -2.62 -11.60
CA ALA C 5 10.82 -2.86 -11.12
C ALA C 5 10.71 -4.32 -10.78
N PHE C 6 10.28 -4.64 -9.57
CA PHE C 6 10.17 -6.04 -9.18
C PHE C 6 8.94 -6.34 -8.35
N SER C 7 8.62 -7.63 -8.30
CA SER C 7 7.57 -8.13 -7.44
C SER C 7 7.93 -9.58 -7.13
N VAL C 8 8.11 -9.90 -5.85
CA VAL C 8 8.48 -11.25 -5.46
C VAL C 8 7.55 -11.79 -4.40
N LEU C 9 7.39 -13.11 -4.39
CA LEU C 9 6.39 -13.77 -3.56
C LEU C 9 7.02 -14.83 -2.67
N ARG C 10 6.69 -14.81 -1.39
CA ARG C 10 7.01 -15.92 -0.50
C ARG C 10 5.71 -16.65 -0.15
N ASN C 11 5.60 -17.89 -0.62
CA ASN C 11 4.45 -18.74 -0.33
C ASN C 11 4.99 -20.15 -0.16
N GLU C 12 5.32 -20.52 1.08
CA GLU C 12 6.02 -21.77 1.33
C GLU C 12 5.85 -22.26 2.75
N THR C 13 6.28 -23.49 2.99
CA THR C 13 6.05 -24.17 4.26
C THR C 13 7.16 -23.88 5.28
N SER C 14 8.30 -23.39 4.82
CA SER C 14 9.40 -23.08 5.72
C SER C 14 9.11 -21.88 6.63
N GLN C 15 9.72 -21.88 7.82
CA GLN C 15 9.57 -20.78 8.77
C GLN C 15 10.50 -19.63 8.40
N ALA C 16 10.06 -18.40 8.62
CA ALA C 16 10.91 -17.24 8.36
C ALA C 16 11.68 -16.86 9.61
N GLN C 17 13.00 -17.02 9.57
CA GLN C 17 13.85 -16.75 10.72
C GLN C 17 13.87 -15.27 11.11
N TYR C 18 13.85 -15.00 12.43
CA TYR C 18 13.92 -13.62 12.93
C TYR C 18 15.23 -12.94 12.54
N LYS C 19 15.16 -11.63 12.28
CA LYS C 19 16.34 -10.78 12.05
C LYS C 19 17.29 -11.26 10.95
N GLN C 20 16.71 -11.89 9.93
CA GLN C 20 17.40 -12.22 8.68
C GLN C 20 16.47 -11.80 7.56
N PRO C 21 17.01 -11.49 6.37
CA PRO C 21 16.15 -11.08 5.25
C PRO C 21 15.13 -12.15 4.90
N VAL C 22 13.88 -11.75 4.65
CA VAL C 22 12.88 -12.71 4.19
C VAL C 22 13.30 -13.18 2.80
N THR C 23 13.28 -14.49 2.57
CA THR C 23 13.61 -14.99 1.24
C THR C 23 12.33 -15.40 0.51
N PHE C 24 12.38 -15.52 -0.80
CA PHE C 24 11.17 -15.72 -1.60
C PHE C 24 11.34 -16.90 -2.55
N ASN C 25 10.23 -17.51 -2.98
CA ASN C 25 10.31 -18.66 -3.88
C ASN C 25 9.77 -18.40 -5.27
N ASP C 26 9.12 -17.24 -5.46
CA ASP C 26 8.58 -16.90 -6.77
C ASP C 26 8.88 -15.46 -7.18
N LYS C 27 9.36 -15.30 -8.40
CA LYS C 27 9.64 -13.99 -8.95
C LYS C 27 8.58 -13.68 -10.00
N LEU C 28 7.72 -12.71 -9.71
CA LEU C 28 6.66 -12.33 -10.64
C LEU C 28 7.20 -11.41 -11.72
N SER C 29 8.05 -10.47 -11.29
CA SER C 29 8.62 -9.45 -12.17
C SER C 29 9.98 -9.03 -11.61
N ASP C 30 10.94 -8.75 -12.50
CA ASP C 30 12.22 -8.17 -12.12
C ASP C 30 12.85 -7.64 -13.38
N ALA C 31 12.37 -6.49 -13.84
CA ALA C 31 12.76 -5.94 -15.14
C ALA C 31 14.26 -5.76 -15.33
N ASN C 32 14.97 -5.35 -14.28
CA ASN C 32 16.40 -5.07 -14.36
C ASN C 32 17.24 -6.15 -13.67
N ASP C 33 16.60 -7.26 -13.29
CA ASP C 33 17.25 -8.34 -12.53
C ASP C 33 18.03 -7.80 -11.30
N ASP C 34 17.35 -6.99 -10.49
CA ASP C 34 17.95 -6.38 -9.31
C ASP C 34 17.71 -7.20 -8.05
N PHE C 35 16.86 -8.21 -8.13
CA PHE C 35 16.46 -8.92 -6.93
C PHE C 35 16.94 -10.38 -6.91
N GLN C 36 17.50 -10.80 -5.78
CA GLN C 36 17.83 -12.20 -5.58
C GLN C 36 16.90 -12.80 -4.54
N ILE C 37 15.97 -13.62 -4.98
CA ILE C 37 14.97 -14.19 -4.10
C ILE C 37 15.60 -15.13 -3.07
N LYS C 38 16.70 -15.77 -3.42
CA LYS C 38 17.38 -16.68 -2.49
C LYS C 38 18.09 -15.97 -1.33
N THR C 39 18.45 -14.70 -1.53
CA THR C 39 19.07 -13.90 -0.47
C THR C 39 18.08 -12.91 0.16
N GLY C 40 17.02 -12.58 -0.58
CA GLY C 40 16.05 -11.61 -0.11
C GLY C 40 16.48 -10.16 -0.30
N TYR C 41 17.58 -9.94 -1.01
CA TYR C 41 18.05 -8.57 -1.24
C TYR C 41 17.67 -7.98 -2.61
N PHE C 42 17.12 -6.76 -2.61
CA PHE C 42 17.19 -5.90 -3.77
C PHE C 42 18.53 -5.20 -3.70
N THR C 43 19.28 -5.20 -4.81
CA THR C 43 20.53 -4.45 -4.87
C THR C 43 20.42 -3.42 -5.98
N CYS C 44 20.61 -2.15 -5.61
CA CYS C 44 20.50 -1.04 -6.56
C CYS C 44 21.61 -1.06 -7.61
N LYS C 45 21.22 -0.90 -8.87
CA LYS C 45 22.15 -0.77 -9.99
C LYS C 45 22.00 0.63 -10.53
N VAL C 46 20.76 1.10 -10.53
CA VAL C 46 20.43 2.43 -11.03
C VAL C 46 20.20 3.41 -9.88
N PRO C 47 21.17 4.31 -9.65
CA PRO C 47 21.03 5.27 -8.55
C PRO C 47 19.83 6.18 -8.75
N GLY C 48 19.02 6.35 -7.72
CA GLY C 48 17.83 7.15 -7.85
C GLY C 48 16.88 7.01 -6.67
N VAL C 49 15.65 7.46 -6.89
CA VAL C 49 14.61 7.44 -5.87
C VAL C 49 13.61 6.33 -6.18
N TYR C 50 13.41 5.45 -5.20
CA TYR C 50 12.63 4.23 -5.40
C TYR C 50 11.41 4.17 -4.48
N TYR C 51 10.38 3.44 -4.92
CA TYR C 51 9.26 3.10 -4.06
C TYR C 51 9.33 1.62 -3.67
N PHE C 52 9.06 1.31 -2.40
CA PHE C 52 9.08 -0.08 -1.92
C PHE C 52 7.84 -0.32 -1.10
N VAL C 53 7.23 -1.50 -1.22
CA VAL C 53 6.06 -1.82 -0.42
C VAL C 53 5.98 -3.32 -0.24
N PHE C 54 5.59 -3.78 0.95
CA PHE C 54 5.31 -5.20 1.13
C PHE C 54 3.92 -5.40 1.68
N HIS C 55 3.38 -6.59 1.47
CA HIS C 55 2.14 -6.99 2.07
C HIS C 55 2.43 -8.39 2.61
N ALA C 56 2.28 -8.60 3.91
CA ALA C 56 2.64 -9.90 4.48
C ALA C 56 1.70 -10.34 5.58
N SER C 57 1.62 -11.66 5.78
CA SER C 57 0.73 -12.22 6.78
C SER C 57 1.32 -13.45 7.44
N SER C 58 1.05 -13.60 8.73
CA SER C 58 1.52 -14.71 9.53
C SER C 58 0.39 -14.97 10.51
N GLU C 59 0.36 -16.16 11.10
CA GLU C 59 -0.59 -16.43 12.15
C GLU C 59 -0.08 -15.78 13.43
N GLY C 60 -0.96 -15.08 14.15
CA GLY C 60 -0.56 -14.38 15.35
C GLY C 60 0.25 -13.12 15.06
N ARG C 61 0.96 -12.66 16.07
CA ARG C 61 1.78 -11.46 16.00
C ARG C 61 2.78 -11.45 14.83
N LEU C 62 2.82 -10.35 14.10
CA LEU C 62 3.76 -10.21 12.98
C LEU C 62 4.41 -8.83 13.01
N CYS C 63 5.72 -8.82 13.17
CA CYS C 63 6.48 -7.58 13.09
C CYS C 63 7.50 -7.66 11.96
N LEU C 64 7.42 -6.73 11.02
CA LEU C 64 8.37 -6.69 9.92
C LEU C 64 9.09 -5.34 9.84
N ARG C 65 10.35 -5.37 9.43
CA ARG C 65 11.13 -4.15 9.24
C ARG C 65 11.57 -4.00 7.80
N LEU C 66 11.37 -2.83 7.23
CA LEU C 66 12.00 -2.51 5.95
C LEU C 66 13.38 -1.94 6.25
N LYS C 67 14.42 -2.53 5.67
CA LYS C 67 15.79 -2.15 5.98
C LYS C 67 16.60 -1.81 4.73
N SER C 68 17.65 -1.02 4.89
CA SER C 68 18.57 -0.75 3.77
C SER C 68 20.02 -0.61 4.27
N THR C 69 20.98 -0.74 3.36
CA THR C 69 22.35 -0.38 3.67
C THR C 69 22.71 0.93 2.99
N SER C 70 21.72 1.77 2.72
CA SER C 70 22.03 3.10 2.19
C SER C 70 22.57 3.96 3.34
N ALA C 71 22.96 5.19 3.04
CA ALA C 71 23.56 6.06 4.06
C ALA C 71 22.75 7.33 4.25
N PRO C 72 22.13 7.50 5.43
CA PRO C 72 22.16 6.59 6.58
C PRO C 72 21.18 5.43 6.36
N PRO C 73 21.37 4.32 7.09
CA PRO C 73 20.53 3.12 6.89
C PRO C 73 19.07 3.26 7.35
N VAL C 74 18.16 2.75 6.54
CA VAL C 74 16.74 2.76 6.86
C VAL C 74 16.37 1.61 7.78
N SER C 75 15.50 1.88 8.74
CA SER C 75 14.91 0.83 9.56
C SER C 75 13.48 1.25 9.92
N LEU C 76 12.50 0.72 9.19
CA LEU C 76 11.10 1.08 9.41
C LEU C 76 10.27 -0.13 9.81
N SER C 77 9.67 -0.07 11.00
CA SER C 77 8.90 -1.18 11.55
C SER C 77 7.40 -1.06 11.26
N PHE C 78 6.76 -2.22 11.06
CA PHE C 78 5.33 -2.31 10.86
C PHE C 78 4.89 -3.56 11.60
N CYS C 79 4.06 -3.39 12.63
CA CYS C 79 3.64 -4.52 13.47
C CYS C 79 2.13 -4.65 13.64
N ASP C 80 1.63 -5.88 13.50
CA ASP C 80 0.29 -6.24 13.95
C ASP C 80 0.44 -7.01 15.24
N PHE C 81 -0.07 -6.45 16.34
CA PHE C 81 -0.05 -7.14 17.63
C PHE C 81 -1.44 -7.74 17.86
N ASN C 82 -1.72 -8.85 17.17
CA ASN C 82 -3.00 -9.53 17.33
C ASN C 82 -2.85 -10.90 18.00
N SER C 83 -3.97 -11.60 18.20
CA SER C 83 -3.95 -12.89 18.90
C SER C 83 -3.42 -14.01 18.00
N LYS C 84 -2.98 -15.10 18.63
CA LYS C 84 -2.31 -16.19 17.91
C LYS C 84 -3.25 -16.93 16.96
N SER C 85 -4.56 -16.82 17.17
CA SER C 85 -5.52 -17.50 16.32
C SER C 85 -5.74 -16.76 14.99
N VAL C 86 -5.48 -15.47 15.00
CA VAL C 86 -5.82 -14.60 13.87
C VAL C 86 -4.64 -14.35 12.93
N SER C 87 -4.88 -14.50 11.63
CA SER C 87 -3.87 -14.15 10.63
C SER C 87 -4.33 -12.94 9.81
N LEU C 88 -3.50 -11.90 9.74
CA LEU C 88 -3.85 -10.66 9.07
C LEU C 88 -2.74 -10.16 8.15
N VAL C 89 -3.08 -9.27 7.23
CA VAL C 89 -2.08 -8.71 6.31
C VAL C 89 -1.52 -7.40 6.83
N VAL C 90 -0.20 -7.36 7.00
CA VAL C 90 0.51 -6.14 7.39
C VAL C 90 1.12 -5.57 6.12
N SER C 91 0.97 -4.26 5.92
CA SER C 91 1.62 -3.62 4.79
C SER C 91 2.51 -2.51 5.29
N GLY C 92 3.58 -2.24 4.57
CA GLY C 92 4.51 -1.18 4.95
C GLY C 92 5.35 -0.85 3.74
N GLY C 93 6.08 0.25 3.80
CA GLY C 93 6.89 0.65 2.67
C GLY C 93 7.30 2.12 2.74
N ALA C 94 8.08 2.55 1.75
CA ALA C 94 8.61 3.90 1.79
C ALA C 94 9.14 4.30 0.43
N VAL C 95 9.51 5.57 0.34
CA VAL C 95 10.21 6.10 -0.81
C VAL C 95 11.63 6.39 -0.35
N LEU C 96 12.61 5.76 -0.99
CA LEU C 96 13.99 5.81 -0.55
C LEU C 96 14.90 6.28 -1.66
N THR C 97 15.95 7.01 -1.28
CA THR C 97 16.98 7.45 -2.21
C THR C 97 18.12 6.46 -2.11
N LEU C 98 18.50 5.89 -3.25
CA LEU C 98 19.49 4.81 -3.23
C LEU C 98 20.70 5.12 -4.10
N LEU C 99 21.86 4.67 -3.66
CA LEU C 99 23.07 4.71 -4.48
C LEU C 99 23.39 3.30 -4.97
N LYS C 100 24.18 3.20 -6.04
CA LYS C 100 24.54 1.90 -6.60
C LYS C 100 25.16 0.99 -5.53
N GLY C 101 24.65 -0.23 -5.41
CA GLY C 101 25.17 -1.17 -4.44
C GLY C 101 24.43 -1.21 -3.10
N ASP C 102 23.64 -0.17 -2.82
CA ASP C 102 22.76 -0.19 -1.64
C ASP C 102 21.79 -1.37 -1.71
N LYS C 103 21.61 -2.07 -0.59
CA LYS C 103 20.65 -3.18 -0.53
C LYS C 103 19.43 -2.76 0.27
N VAL C 104 18.29 -3.34 -0.08
CA VAL C 104 17.01 -3.06 0.58
C VAL C 104 16.29 -4.40 0.75
N TRP C 105 15.75 -4.65 1.93
CA TRP C 105 15.09 -5.92 2.22
C TRP C 105 14.08 -5.77 3.35
N ILE C 106 13.35 -6.84 3.65
CA ILE C 106 12.46 -6.84 4.80
C ILE C 106 12.88 -7.98 5.72
N GLU C 107 12.67 -7.84 7.03
CA GLU C 107 13.04 -8.93 7.94
C GLU C 107 12.10 -8.99 9.14
N PRO C 108 11.74 -10.21 9.55
CA PRO C 108 10.82 -10.25 10.69
C PRO C 108 11.59 -10.01 11.98
N PHE C 109 10.88 -9.59 13.04
CA PHE C 109 11.52 -9.43 14.34
C PHE C 109 10.46 -9.66 15.42
N ALA C 110 10.89 -9.97 16.63
CA ALA C 110 9.96 -10.12 17.75
C ALA C 110 9.83 -8.80 18.50
N GLY C 111 8.65 -8.20 18.45
CA GLY C 111 8.38 -6.97 19.18
C GLY C 111 7.71 -7.23 20.51
N MET C 118 10.65 -18.58 18.59
CA MET C 118 9.84 -19.54 17.82
C MET C 118 9.27 -18.89 16.56
N PRO C 119 9.98 -18.98 15.44
CA PRO C 119 9.51 -18.34 14.21
C PRO C 119 8.37 -19.11 13.53
N LYS C 120 7.72 -18.47 12.57
CA LYS C 120 6.54 -19.04 11.93
C LYS C 120 6.64 -18.92 10.41
N ARG C 121 5.70 -19.56 9.73
CA ARG C 121 5.59 -19.40 8.29
C ARG C 121 5.14 -17.99 7.97
N LEU C 122 5.50 -17.51 6.79
CA LEU C 122 5.24 -16.12 6.44
C LEU C 122 4.90 -16.03 4.98
N TYR C 123 3.70 -15.54 4.69
CA TYR C 123 3.34 -15.23 3.32
C TYR C 123 3.77 -13.77 3.09
N ALA C 124 4.38 -13.48 1.96
CA ALA C 124 4.86 -12.12 1.71
C ALA C 124 4.93 -11.76 0.23
N VAL C 125 4.45 -10.57 -0.10
CA VAL C 125 4.66 -10.02 -1.42
C VAL C 125 5.47 -8.75 -1.22
N PHE C 126 6.60 -8.63 -1.92
CA PHE C 126 7.47 -7.47 -1.76
C PHE C 126 7.66 -6.85 -3.14
N ASN C 127 7.33 -5.56 -3.25
CA ASN C 127 7.31 -4.86 -4.53
C ASN C 127 8.21 -3.62 -4.50
N GLY C 128 8.78 -3.27 -5.64
CA GLY C 128 9.61 -2.08 -5.73
C GLY C 128 9.81 -1.61 -7.15
N PHE C 129 10.02 -0.31 -7.32
CA PHE C 129 10.37 0.23 -8.63
C PHE C 129 11.01 1.59 -8.56
N LEU C 130 11.81 1.90 -9.57
CA LEU C 130 12.43 3.22 -9.70
C LEU C 130 11.37 4.28 -10.03
N ILE C 131 11.40 5.38 -9.28
CA ILE C 131 10.53 6.51 -9.60
C ILE C 131 11.27 7.47 -10.53
N TYR C 132 12.52 7.78 -10.20
CA TYR C 132 13.35 8.57 -11.11
C TYR C 132 14.86 8.37 -10.90
N ARG C 133 15.61 8.55 -11.97
CA ARG C 133 17.04 8.30 -12.02
C ARG C 133 17.83 9.53 -11.52
N ASN C 134 18.92 9.28 -10.79
CA ASN C 134 19.77 10.36 -10.28
C ASN C 134 21.08 10.51 -11.05
#